data_8B0R
#
_entry.id   8B0R
#
_cell.length_a   69.487
_cell.length_b   69.487
_cell.length_c   256.288
_cell.angle_alpha   90.000
_cell.angle_beta   90.000
_cell.angle_gamma   120.000
#
_symmetry.space_group_name_H-M   'P 32 2 1'
#
loop_
_entity.id
_entity.type
_entity.pdbx_description
1 polymer 'SMODS-associated and fused to various effectors domain-containing protein'
2 polymer 'Cyclic tetraadenosine monophosphate (cA4)'
3 non-polymer 'TRIETHYLENE GLYCOL'
4 non-polymer 'SULFATE ION'
5 water water
#
loop_
_entity_poly.entity_id
_entity_poly.type
_entity_poly.pdbx_seq_one_letter_code
_entity_poly.pdbx_strand_id
1 'polypeptide(L)'
;GHIKQLLKNKRFEVIKALVESKKIKQEWLEDLYSILLKQDTDVEITQAKYEIIKLLLTEKKYLNFELLTKTLNLDQQTAI
EIMRNPFKEVYFPTYNIENPEESRLNKALIIPLSNQTFTLNTFVNSQDLETIKEATNKNFFVIFDNIFSGKSYQLAVAAG
LIAKEKEILDNVAFTGEVSSNGFIIPVNHLEEKKEITEKAKKVLITPEDIENLEELSFWLNPEHLPVIFIHINKPELALQ
SLKQMEDAIKKDERFKYFKLENLKKFYRLEDQDMYLITPSVDFSNREELIKILNEFREKVSKLLTLEGVIKDHNKVVLNI
SAGISTLALYFGVILGNRQASIIYHYQKEYHKVIDLTDNPRKIKEKKSEFEKISVNKNIQDPLMIIIYLASHNPIEKGLE
LKEKLRAKGELIIQSKEHQGNLEIGDWSDIVSEIYTAIDDNKQKENYMVFSAPVAIMLALGMALGYFLPIKVFHYNRDEY
IEVPIKLNEEILRSPFPGE
;
A
2 'polyribonucleotide' AAAA B
#
loop_
_chem_comp.id
_chem_comp.type
_chem_comp.name
_chem_comp.formula
A RNA linking ADENOSINE-5'-MONOPHOSPHATE 'C10 H14 N5 O7 P'
PGE non-polymer 'TRIETHYLENE GLYCOL' 'C6 H14 O4'
SO4 non-polymer 'SULFATE ION' 'O4 S -2'
#
# COMPACT_ATOMS: atom_id res chain seq x y z
N GLY A 1 3.03 44.31 29.11
CA GLY A 1 2.30 43.35 28.30
C GLY A 1 1.57 42.30 29.11
N HIS A 2 0.52 41.73 28.53
CA HIS A 2 -0.24 40.72 29.23
C HIS A 2 0.58 39.45 29.43
N ILE A 3 1.26 38.99 28.38
CA ILE A 3 2.10 37.80 28.50
C ILE A 3 3.33 38.10 29.35
N LYS A 4 3.88 39.32 29.23
CA LYS A 4 4.99 39.71 30.08
C LYS A 4 4.62 39.62 31.55
N GLN A 5 3.38 40.01 31.88
CA GLN A 5 2.90 39.85 33.26
C GLN A 5 2.77 38.37 33.61
N LEU A 6 2.28 37.55 32.69
CA LEU A 6 2.19 36.12 32.94
C LEU A 6 3.56 35.49 33.05
N LEU A 7 4.51 35.94 32.22
CA LEU A 7 5.86 35.41 32.28
C LEU A 7 6.56 35.76 33.57
N LYS A 8 6.31 36.96 34.12
CA LYS A 8 6.92 37.34 35.38
C LYS A 8 6.43 36.50 36.54
N ASN A 9 5.19 36.01 36.47
CA ASN A 9 4.64 35.13 37.49
C ASN A 9 4.84 33.65 37.18
N LYS A 10 5.54 33.32 36.08
CA LYS A 10 5.86 31.95 35.71
C LYS A 10 4.59 31.10 35.56
N ARG A 11 3.55 31.69 34.98
CA ARG A 11 2.30 30.98 34.72
C ARG A 11 2.32 30.46 33.28
N PHE A 12 3.18 29.46 33.06
CA PHE A 12 3.35 28.90 31.72
C PHE A 12 2.12 28.12 31.26
N GLU A 13 1.35 27.57 32.20
CA GLU A 13 0.16 26.83 31.82
C GLU A 13 -0.91 27.76 31.27
N VAL A 14 -1.01 28.98 31.80
CA VAL A 14 -1.96 29.96 31.27
C VAL A 14 -1.51 30.41 29.88
N ILE A 15 -0.21 30.58 29.68
CA ILE A 15 0.30 30.97 28.37
C ILE A 15 0.04 29.87 27.35
N LYS A 16 0.19 28.60 27.76
CA LYS A 16 -0.03 27.49 26.83
C LYS A 16 -1.47 27.45 26.35
N ALA A 17 -2.43 27.53 27.28
CA ALA A 17 -3.84 27.53 26.88
C ALA A 17 -4.18 28.77 26.06
N LEU A 18 -3.55 29.91 26.36
CA LEU A 18 -3.76 31.11 25.55
C LEU A 18 -3.19 30.93 24.15
N VAL A 19 -2.13 30.12 24.00
CA VAL A 19 -1.58 29.84 22.68
C VAL A 19 -2.42 28.80 21.95
N GLU A 20 -2.92 27.79 22.68
CA GLU A 20 -3.80 26.80 22.06
C GLU A 20 -5.01 27.47 21.44
N SER A 21 -5.55 28.50 22.10
CA SER A 21 -6.56 29.35 21.48
C SER A 21 -5.88 30.29 20.49
N LYS A 22 -6.54 30.53 19.35
CA LYS A 22 -5.98 31.36 18.30
C LYS A 22 -6.28 32.85 18.49
N LYS A 23 -6.33 33.31 19.73
CA LYS A 23 -6.59 34.72 20.05
C LYS A 23 -5.30 35.31 20.62
N ILE A 24 -4.41 35.75 19.74
CA ILE A 24 -3.12 36.30 20.12
C ILE A 24 -2.91 37.60 19.36
N LYS A 25 -2.48 38.64 20.07
CA LYS A 25 -2.15 39.91 19.45
C LYS A 25 -0.68 39.91 19.01
N GLN A 26 -0.38 40.75 18.00
CA GLN A 26 0.97 40.80 17.47
C GLN A 26 1.96 41.35 18.47
N GLU A 27 1.49 42.17 19.42
CA GLU A 27 2.38 42.73 20.44
C GLU A 27 2.87 41.67 21.43
N TRP A 28 2.18 40.54 21.53
CA TRP A 28 2.58 39.46 22.41
C TRP A 28 3.63 38.55 21.80
N LEU A 29 3.97 38.75 20.52
CA LEU A 29 4.83 37.80 19.83
C LEU A 29 6.26 37.86 20.35
N GLU A 30 6.77 39.06 20.64
CA GLU A 30 8.15 39.20 21.10
C GLU A 30 8.37 38.45 22.40
N ASP A 31 7.41 38.49 23.32
CA ASP A 31 7.54 37.74 24.56
C ASP A 31 7.26 36.25 24.36
N LEU A 32 6.44 35.90 23.38
CA LEU A 32 6.19 34.49 23.08
C LEU A 32 7.45 33.81 22.56
N TYR A 33 8.18 34.47 21.66
CA TYR A 33 9.40 33.88 21.11
C TYR A 33 10.46 33.70 22.19
N SER A 34 10.52 34.62 23.16
CA SER A 34 11.54 34.53 24.20
C SER A 34 11.35 33.30 25.08
N ILE A 35 10.13 32.79 25.18
CA ILE A 35 9.88 31.59 25.97
C ILE A 35 10.59 30.39 25.37
N LEU A 36 10.82 30.40 24.06
CA LEU A 36 11.49 29.29 23.39
C LEU A 36 12.94 29.14 23.82
N LEU A 37 13.53 30.17 24.40
CA LEU A 37 14.92 30.12 24.85
C LEU A 37 15.07 29.68 26.30
N LYS A 38 13.98 29.65 27.06
CA LYS A 38 14.05 29.30 28.47
C LYS A 38 14.52 27.86 28.66
N GLN A 39 15.05 27.58 29.84
CA GLN A 39 15.49 26.24 30.17
C GLN A 39 14.30 25.35 30.48
N ASP A 40 14.36 24.11 29.99
CA ASP A 40 13.29 23.14 30.21
C ASP A 40 13.45 22.51 31.58
N THR A 41 13.21 23.34 32.61
CA THR A 41 13.32 22.88 33.99
C THR A 41 12.09 22.15 34.48
N ASP A 42 10.94 22.36 33.84
CA ASP A 42 9.73 21.62 34.18
C ASP A 42 8.91 21.41 32.92
N VAL A 43 8.01 20.43 32.97
CA VAL A 43 7.26 20.03 31.79
C VAL A 43 6.33 21.15 31.31
N GLU A 44 5.95 22.07 32.20
CA GLU A 44 5.05 23.15 31.79
C GLU A 44 5.72 24.10 30.80
N ILE A 45 7.02 24.33 30.94
CA ILE A 45 7.73 25.17 29.99
C ILE A 45 7.89 24.44 28.66
N THR A 46 8.20 23.14 28.71
CA THR A 46 8.40 22.37 27.49
C THR A 46 7.10 22.27 26.69
N GLN A 47 5.98 22.00 27.37
CA GLN A 47 4.69 21.94 26.67
C GLN A 47 4.27 23.30 26.16
N ALA A 48 4.65 24.38 26.85
CA ALA A 48 4.37 25.71 26.34
C ALA A 48 5.19 26.02 25.11
N LYS A 49 6.43 25.55 25.06
CA LYS A 49 7.26 25.72 23.87
C LYS A 49 6.64 25.02 22.66
N TYR A 50 6.11 23.82 22.87
CA TYR A 50 5.57 23.04 21.76
C TYR A 50 4.36 23.73 21.15
N GLU A 51 3.44 24.19 22.00
CA GLU A 51 2.24 24.87 21.49
C GLU A 51 2.60 26.17 20.79
N ILE A 52 3.63 26.87 21.27
CA ILE A 52 4.05 28.12 20.63
C ILE A 52 4.55 27.84 19.21
N ILE A 53 5.44 26.85 19.08
CA ILE A 53 5.98 26.50 17.77
C ILE A 53 4.86 26.00 16.85
N LYS A 54 3.95 25.19 17.37
CA LYS A 54 2.86 24.66 16.56
C LYS A 54 1.92 25.77 16.09
N LEU A 55 1.77 26.84 16.88
CA LEU A 55 0.93 27.95 16.47
C LEU A 55 1.60 28.78 15.39
N LEU A 56 2.90 29.02 15.52
CA LEU A 56 3.63 29.80 14.51
C LEU A 56 3.60 29.11 13.16
N LEU A 57 3.61 27.78 13.14
CA LEU A 57 3.66 27.04 11.88
C LEU A 57 2.28 26.84 11.27
N THR A 58 1.25 26.68 12.09
CA THR A 58 -0.11 26.54 11.58
C THR A 58 -0.77 27.88 11.31
N GLU A 59 -0.46 28.90 12.09
CA GLU A 59 -0.95 30.26 11.89
C GLU A 59 0.27 31.12 11.56
N LYS A 60 0.60 31.21 10.27
CA LYS A 60 1.82 31.88 9.85
C LYS A 60 1.75 33.40 9.97
N LYS A 61 0.59 33.97 10.31
CA LYS A 61 0.53 35.39 10.59
C LYS A 61 1.29 35.75 11.86
N TYR A 62 1.55 34.77 12.73
CA TYR A 62 2.40 34.94 13.90
C TYR A 62 3.85 34.55 13.62
N LEU A 63 4.15 34.05 12.42
CA LEU A 63 5.49 33.63 12.06
C LEU A 63 6.24 34.83 11.51
N ASN A 64 7.15 35.38 12.31
CA ASN A 64 7.82 36.64 12.01
C ASN A 64 9.30 36.40 11.78
N PHE A 65 9.82 36.91 10.65
CA PHE A 65 11.23 36.71 10.33
C PHE A 65 12.13 37.52 11.26
N GLU A 66 11.72 38.74 11.60
CA GLU A 66 12.54 39.56 12.48
C GLU A 66 12.71 38.91 13.85
N LEU A 67 11.62 38.37 14.41
CA LEU A 67 11.72 37.69 15.69
C LEU A 67 12.50 36.39 15.58
N LEU A 68 12.43 35.70 14.44
CA LEU A 68 13.23 34.50 14.25
C LEU A 68 14.71 34.81 14.23
N THR A 69 15.10 35.98 13.70
CA THR A 69 16.50 36.32 13.56
C THR A 69 17.07 36.91 14.85
N LYS A 70 16.36 37.88 15.45
CA LYS A 70 16.90 38.58 16.60
C LYS A 70 16.75 37.79 17.89
N THR A 71 15.68 37.02 18.04
CA THR A 71 15.47 36.26 19.27
C THR A 71 16.16 34.90 19.22
N LEU A 72 15.95 34.14 18.15
CA LEU A 72 16.48 32.79 18.05
C LEU A 72 17.86 32.73 17.41
N ASN A 73 18.41 33.87 16.96
CA ASN A 73 19.75 33.95 16.40
C ASN A 73 19.95 33.03 15.20
N LEU A 74 18.88 32.82 14.42
CA LEU A 74 18.97 31.96 13.25
C LEU A 74 19.49 32.74 12.05
N ASP A 75 20.32 32.09 11.25
CA ASP A 75 20.74 32.68 9.99
C ASP A 75 19.56 32.78 9.04
N GLN A 76 19.71 33.63 8.02
CA GLN A 76 18.59 33.92 7.14
C GLN A 76 18.13 32.69 6.36
N GLN A 77 19.04 31.75 6.08
CA GLN A 77 18.64 30.54 5.36
C GLN A 77 17.84 29.61 6.25
N THR A 78 18.28 29.41 7.49
CA THR A 78 17.56 28.55 8.42
C THR A 78 16.22 29.17 8.80
N ALA A 79 16.17 30.50 8.93
CA ALA A 79 14.91 31.16 9.28
C ALA A 79 13.89 31.02 8.16
N ILE A 80 14.33 31.13 6.90
CA ILE A 80 13.42 30.94 5.78
C ILE A 80 12.87 29.51 5.76
N GLU A 81 13.76 28.53 5.93
CA GLU A 81 13.33 27.13 5.88
C GLU A 81 12.38 26.81 7.03
N ILE A 82 12.60 27.39 8.21
CA ILE A 82 11.63 27.25 9.29
C ILE A 82 10.29 27.86 8.87
N MET A 83 10.34 28.92 8.06
CA MET A 83 9.10 29.59 7.63
C MET A 83 8.42 28.87 6.47
N ARG A 84 9.18 28.23 5.58
CA ARG A 84 8.61 27.71 4.35
C ARG A 84 8.54 26.19 4.28
N ASN A 85 9.39 25.46 5.00
CA ASN A 85 9.32 24.01 4.90
C ASN A 85 8.19 23.48 5.78
N PRO A 86 7.43 22.49 5.30
CA PRO A 86 6.38 21.92 6.12
C PRO A 86 6.94 21.09 7.26
N PHE A 87 6.18 20.98 8.34
CA PHE A 87 6.59 20.25 9.51
C PHE A 87 5.89 18.89 9.57
N LYS A 88 6.52 17.96 10.30
CA LYS A 88 5.99 16.62 10.50
C LYS A 88 5.91 16.34 11.99
N GLU A 89 4.77 15.82 12.43
CA GLU A 89 4.56 15.41 13.82
C GLU A 89 4.55 13.90 13.87
N VAL A 90 5.45 13.33 14.68
CA VAL A 90 5.59 11.89 14.80
C VAL A 90 5.50 11.53 16.28
N TYR A 91 4.83 10.41 16.57
CA TYR A 91 4.59 9.97 17.93
C TYR A 91 5.61 8.91 18.35
N PHE A 92 5.95 8.91 19.65
CA PHE A 92 6.84 7.91 20.20
C PHE A 92 6.54 7.75 21.69
N PRO A 93 6.42 6.52 22.18
CA PRO A 93 6.10 6.31 23.59
C PRO A 93 7.33 6.15 24.47
N THR A 94 7.18 6.59 25.71
CA THR A 94 8.23 6.49 26.71
C THR A 94 7.67 5.88 27.99
N TYR A 95 8.45 5.02 28.64
CA TYR A 95 8.06 4.36 29.88
C TYR A 95 9.07 4.69 30.96
N ASN A 96 8.60 5.26 32.06
CA ASN A 96 9.44 5.58 33.20
C ASN A 96 9.30 4.45 34.23
N ILE A 97 10.37 3.68 34.39
CA ILE A 97 10.33 2.54 35.31
C ILE A 97 10.26 3.02 36.75
N GLU A 98 10.77 4.22 37.04
CA GLU A 98 10.72 4.74 38.40
C GLU A 98 9.34 5.31 38.74
N ASN A 99 8.64 5.88 37.76
CA ASN A 99 7.31 6.43 37.94
C ASN A 99 6.44 5.94 36.78
N PRO A 100 5.72 4.84 36.96
CA PRO A 100 4.93 4.30 35.85
C PRO A 100 3.81 5.22 35.37
N GLU A 101 3.29 6.08 36.25
CA GLU A 101 2.23 6.99 35.85
C GLU A 101 2.74 8.16 35.02
N GLU A 102 4.05 8.40 34.99
CA GLU A 102 4.63 9.45 34.17
C GLU A 102 4.81 9.04 32.72
N SER A 103 4.51 7.78 32.38
CA SER A 103 4.66 7.30 31.01
C SER A 103 3.61 7.94 30.10
N ARG A 104 3.97 8.09 28.83
CA ARG A 104 3.15 8.88 27.92
C ARG A 104 3.57 8.61 26.49
N LEU A 105 2.65 8.82 25.56
CA LEU A 105 2.96 8.84 24.13
C LEU A 105 3.24 10.29 23.75
N ASN A 106 4.51 10.58 23.46
CA ASN A 106 4.96 11.94 23.21
C ASN A 106 4.99 12.23 21.71
N LYS A 107 5.09 13.53 21.40
CA LYS A 107 5.12 14.01 20.02
C LYS A 107 6.43 14.72 19.74
N ALA A 108 6.86 14.65 18.49
CA ALA A 108 8.06 15.35 18.04
C ALA A 108 7.72 16.07 16.74
N LEU A 109 7.91 17.39 16.74
CA LEU A 109 7.71 18.21 15.54
C LEU A 109 9.06 18.39 14.85
N ILE A 110 9.11 18.01 13.57
CA ILE A 110 10.35 18.00 12.80
C ILE A 110 10.20 18.89 11.59
N ILE A 111 11.23 19.71 11.32
CA ILE A 111 11.30 20.53 10.13
C ILE A 111 12.66 20.26 9.47
N PRO A 112 12.70 19.86 8.21
CA PRO A 112 14.00 19.61 7.57
C PRO A 112 14.73 20.90 7.27
N LEU A 113 16.05 20.88 7.47
CA LEU A 113 16.91 22.05 7.25
C LEU A 113 18.03 21.68 6.29
N SER A 114 18.86 22.66 5.96
CA SER A 114 19.92 22.49 4.98
C SER A 114 21.27 22.22 5.61
N ASN A 115 21.79 23.16 6.41
CA ASN A 115 23.13 23.08 6.94
C ASN A 115 23.16 23.40 8.42
N GLN A 116 22.14 22.96 9.17
CA GLN A 116 22.10 23.20 10.60
C GLN A 116 21.13 22.21 11.24
N THR A 117 21.55 21.60 12.35
CA THR A 117 20.70 20.72 13.14
C THR A 117 20.69 21.25 14.57
N PHE A 118 19.49 21.51 15.09
CA PHE A 118 19.38 22.04 16.44
C PHE A 118 17.99 21.71 16.99
N THR A 119 17.84 21.93 18.29
CA THR A 119 16.58 21.78 18.98
C THR A 119 16.40 22.94 19.94
N LEU A 120 15.17 23.16 20.37
CA LEU A 120 14.87 24.20 21.36
C LEU A 120 14.70 23.65 22.76
N ASN A 121 14.92 22.34 22.95
CA ASN A 121 14.78 21.70 24.25
C ASN A 121 16.16 21.47 24.85
N THR A 122 16.38 21.99 26.07
CA THR A 122 17.70 21.95 26.68
C THR A 122 18.07 20.58 27.24
N PHE A 123 17.09 19.71 27.49
CA PHE A 123 17.37 18.39 28.02
C PHE A 123 17.80 17.39 26.95
N VAL A 124 17.85 17.81 25.69
CA VAL A 124 18.20 16.92 24.58
C VAL A 124 19.70 16.97 24.36
N ASN A 125 20.31 15.79 24.22
CA ASN A 125 21.74 15.72 23.90
C ASN A 125 21.95 16.04 22.42
N SER A 126 22.86 16.97 22.15
CA SER A 126 23.12 17.38 20.77
C SER A 126 23.74 16.26 19.95
N GLN A 127 24.52 15.38 20.59
CA GLN A 127 25.14 14.28 19.85
C GLN A 127 24.11 13.27 19.36
N ASP A 128 23.01 13.10 20.10
CA ASP A 128 21.97 12.19 19.66
C ASP A 128 21.26 12.72 18.42
N LEU A 129 21.16 14.04 18.27
CA LEU A 129 20.60 14.61 17.05
C LEU A 129 21.57 14.50 15.89
N GLU A 130 22.88 14.60 16.17
CA GLU A 130 23.87 14.44 15.10
C GLU A 130 23.85 13.02 14.54
N THR A 131 23.54 12.02 15.38
CA THR A 131 23.44 10.66 14.89
C THR A 131 22.29 10.51 13.90
N ILE A 132 21.16 11.17 14.17
CA ILE A 132 20.04 11.14 13.24
C ILE A 132 20.42 11.86 11.94
N LYS A 133 21.12 12.99 12.05
CA LYS A 133 21.54 13.73 10.87
C LYS A 133 22.49 12.90 10.02
N GLU A 134 23.41 12.19 10.66
CA GLU A 134 24.37 11.37 9.91
C GLU A 134 23.69 10.16 9.28
N ALA A 135 22.71 9.58 9.96
CA ALA A 135 22.04 8.40 9.43
C ALA A 135 21.12 8.73 8.26
N THR A 136 20.48 9.90 8.30
CA THR A 136 19.55 10.30 7.24
C THR A 136 20.17 11.25 6.23
N ASN A 137 21.38 11.75 6.47
CA ASN A 137 22.01 12.77 5.63
C ASN A 137 21.14 14.01 5.50
N LYS A 138 20.40 14.33 6.57
CA LYS A 138 19.47 15.46 6.55
C LYS A 138 19.60 16.24 7.84
N ASN A 139 19.85 17.54 7.72
CA ASN A 139 19.76 18.43 8.87
C ASN A 139 18.30 18.72 9.20
N PHE A 140 18.03 18.99 10.47
CA PHE A 140 16.65 19.11 10.89
C PHE A 140 16.55 19.93 12.17
N PHE A 141 15.35 20.45 12.39
CA PHE A 141 14.96 21.06 13.66
C PHE A 141 13.88 20.20 14.29
N VAL A 142 14.00 19.94 15.59
CA VAL A 142 13.06 19.09 16.30
C VAL A 142 12.72 19.72 17.65
N ILE A 143 11.47 19.56 18.07
CA ILE A 143 11.02 19.99 19.38
C ILE A 143 10.04 18.94 19.90
N PHE A 144 10.04 18.74 21.22
CA PHE A 144 9.23 17.71 21.85
C PHE A 144 8.20 18.33 22.77
N ASP A 145 7.07 17.64 22.94
CA ASP A 145 5.97 18.11 23.76
C ASP A 145 5.99 17.52 25.17
N ASN A 146 7.13 17.00 25.60
CA ASN A 146 7.25 16.37 26.92
C ASN A 146 8.72 16.23 27.27
N ILE A 147 8.99 16.12 28.56
CA ILE A 147 10.34 15.85 29.08
C ILE A 147 10.47 14.36 29.30
N PHE A 148 11.59 13.80 28.85
CA PHE A 148 11.81 12.35 28.93
C PHE A 148 13.31 12.10 28.92
N SER A 149 13.67 10.84 29.16
CA SER A 149 15.05 10.41 29.16
C SER A 149 15.26 9.33 28.11
N GLY A 150 16.52 9.14 27.73
CA GLY A 150 16.88 8.10 26.77
C GLY A 150 16.86 8.60 25.34
N LYS A 151 17.16 7.65 24.43
CA LYS A 151 17.29 7.95 23.01
C LYS A 151 16.23 7.23 22.17
N SER A 152 15.13 6.80 22.80
CA SER A 152 14.11 6.01 22.09
C SER A 152 13.33 6.82 21.07
N TYR A 153 13.59 8.13 20.95
CA TYR A 153 12.90 8.97 19.99
C TYR A 153 13.57 9.01 18.62
N GLN A 154 14.77 8.42 18.48
CA GLN A 154 15.56 8.60 17.27
C GLN A 154 14.87 7.99 16.05
N LEU A 155 14.26 6.82 16.22
CA LEU A 155 13.55 6.21 15.09
C LEU A 155 12.36 7.07 14.67
N ALA A 156 11.64 7.63 15.64
CA ALA A 156 10.50 8.49 15.32
C ALA A 156 10.94 9.73 14.56
N VAL A 157 12.03 10.37 14.99
CA VAL A 157 12.51 11.56 14.31
C VAL A 157 13.00 11.22 12.92
N ALA A 158 13.72 10.11 12.77
CA ALA A 158 14.15 9.67 11.45
C ALA A 158 12.96 9.37 10.55
N ALA A 159 11.85 8.91 11.13
CA ALA A 159 10.65 8.66 10.34
C ALA A 159 10.05 9.95 9.81
N GLY A 160 10.04 11.01 10.64
CA GLY A 160 9.52 12.28 10.20
C GLY A 160 10.35 12.95 9.12
N LEU A 161 11.63 12.59 9.02
CA LEU A 161 12.51 13.15 7.99
C LEU A 161 12.49 12.34 6.70
N ILE A 162 12.22 11.04 6.78
CA ILE A 162 12.24 10.19 5.60
C ILE A 162 10.88 10.17 4.92
N ALA A 163 9.80 10.13 5.69
CA ALA A 163 8.46 10.05 5.12
C ALA A 163 8.15 11.29 4.28
N LYS A 164 7.58 11.05 3.10
CA LYS A 164 7.26 12.13 2.18
C LYS A 164 5.91 12.77 2.47
N GLU A 165 4.96 11.99 3.00
CA GLU A 165 3.64 12.50 3.33
C GLU A 165 3.35 12.24 4.80
N LYS A 166 2.51 13.10 5.38
CA LYS A 166 2.18 13.00 6.80
C LYS A 166 1.16 11.92 7.10
N GLU A 167 0.38 11.49 6.11
CA GLU A 167 -0.71 10.56 6.35
C GLU A 167 -0.20 9.21 6.85
N ILE A 168 0.96 8.78 6.36
CA ILE A 168 1.54 7.52 6.81
C ILE A 168 1.97 7.60 8.27
N LEU A 169 2.13 8.80 8.81
CA LEU A 169 2.57 8.99 10.19
C LEU A 169 1.43 9.34 11.13
N ASP A 170 0.19 9.44 10.64
CA ASP A 170 -0.92 9.87 11.47
C ASP A 170 -1.47 8.78 12.37
N ASN A 171 -1.27 7.51 12.02
CA ASN A 171 -1.86 6.40 12.75
C ASN A 171 -0.81 5.39 13.19
N VAL A 172 0.44 5.84 13.40
CA VAL A 172 1.53 4.96 13.77
C VAL A 172 2.49 5.70 14.69
N ALA A 173 3.24 4.94 15.47
CA ALA A 173 4.27 5.47 16.36
C ALA A 173 5.54 4.64 16.20
N PHE A 174 6.63 5.15 16.75
CA PHE A 174 7.93 4.49 16.62
C PHE A 174 8.66 4.52 17.96
N THR A 175 9.58 3.57 18.13
CA THR A 175 10.49 3.55 19.25
C THR A 175 11.76 2.83 18.84
N GLY A 176 12.88 3.33 19.32
CA GLY A 176 14.17 2.71 19.02
C GLY A 176 15.24 3.74 18.74
N GLU A 177 16.49 3.34 18.95
CA GLU A 177 17.64 4.18 18.64
C GLU A 177 18.14 3.90 17.23
N VAL A 178 18.83 4.88 16.66
CA VAL A 178 19.34 4.81 15.31
C VAL A 178 20.86 4.96 15.35
N SER A 179 21.56 4.08 14.67
CA SER A 179 23.01 4.17 14.58
C SER A 179 23.41 5.21 13.54
N SER A 180 24.72 5.47 13.46
CA SER A 180 25.22 6.52 12.59
C SER A 180 25.01 6.20 11.11
N ASN A 181 24.92 4.91 10.76
CA ASN A 181 24.77 4.50 9.38
C ASN A 181 23.36 4.03 9.04
N GLY A 182 22.42 4.16 9.97
CA GLY A 182 21.02 3.89 9.69
C GLY A 182 20.45 2.64 10.30
N PHE A 183 21.23 1.87 11.05
CA PHE A 183 20.72 0.63 11.65
C PHE A 183 19.97 0.94 12.93
N ILE A 184 18.86 0.22 13.14
CA ILE A 184 17.98 0.47 14.27
C ILE A 184 18.50 -0.30 15.48
N ILE A 185 18.55 0.39 16.63
CA ILE A 185 19.07 -0.17 17.87
C ILE A 185 17.90 -0.51 18.79
N PRO A 186 17.91 -1.67 19.45
CA PRO A 186 16.80 -2.02 20.34
C PRO A 186 16.70 -1.08 21.53
N VAL A 187 15.51 -1.03 22.11
CA VAL A 187 15.24 -0.21 23.29
C VAL A 187 14.55 -1.08 24.34
N ASN A 188 14.05 -0.44 25.41
CA ASN A 188 13.51 -1.15 26.55
C ASN A 188 12.01 -0.94 26.66
N HIS A 189 11.37 -1.84 27.43
CA HIS A 189 9.95 -1.74 27.76
C HIS A 189 9.08 -1.72 26.50
N LEU A 190 9.31 -2.71 25.64
CA LEU A 190 8.53 -2.79 24.39
C LEU A 190 7.07 -3.10 24.67
N GLU A 191 6.80 -4.05 25.58
CA GLU A 191 5.42 -4.40 25.89
C GLU A 191 4.68 -3.24 26.55
N GLU A 192 5.34 -2.55 27.47
CA GLU A 192 4.70 -1.40 28.12
C GLU A 192 4.45 -0.28 27.11
N LYS A 193 5.44 0.02 26.27
CA LYS A 193 5.28 1.05 25.25
C LYS A 193 4.14 0.71 24.28
N LYS A 194 3.93 -0.58 24.01
CA LYS A 194 2.86 -0.98 23.10
C LYS A 194 1.50 -0.67 23.70
N GLU A 195 1.32 -0.93 25.00
CA GLU A 195 0.03 -0.64 25.64
C GLU A 195 -0.25 0.86 25.67
N ILE A 196 0.80 1.68 25.75
CA ILE A 196 0.60 3.13 25.71
C ILE A 196 0.16 3.57 24.32
N THR A 197 0.83 3.07 23.28
CA THR A 197 0.50 3.47 21.92
C THR A 197 -0.90 3.01 21.53
N GLU A 198 -1.25 1.77 21.89
CA GLU A 198 -2.58 1.26 21.56
C GLU A 198 -3.67 1.97 22.35
N LYS A 199 -3.36 2.42 23.57
CA LYS A 199 -4.33 3.20 24.32
C LYS A 199 -4.65 4.53 23.64
N ALA A 200 -3.75 5.02 22.79
CA ALA A 200 -3.99 6.21 21.98
C ALA A 200 -4.50 5.86 20.59
N LYS A 201 -5.02 4.64 20.41
CA LYS A 201 -5.59 4.19 19.13
C LYS A 201 -4.57 4.30 17.99
N LYS A 202 -3.36 3.83 18.26
CA LYS A 202 -2.29 3.83 17.27
C LYS A 202 -1.52 2.53 17.37
N VAL A 203 -0.68 2.28 16.37
CA VAL A 203 0.13 1.07 16.28
C VAL A 203 1.59 1.46 16.48
N LEU A 204 2.31 0.65 17.26
CA LEU A 204 3.71 0.91 17.57
C LEU A 204 4.62 0.13 16.62
N ILE A 205 5.65 0.80 16.13
CA ILE A 205 6.71 0.18 15.32
C ILE A 205 7.97 0.15 16.17
N THR A 206 8.47 -1.05 16.45
CA THR A 206 9.63 -1.28 17.28
C THR A 206 10.80 -1.78 16.43
N PRO A 207 12.01 -1.84 17.01
CA PRO A 207 13.13 -2.43 16.25
C PRO A 207 12.90 -3.86 15.82
N GLU A 208 11.94 -4.58 16.43
CA GLU A 208 11.62 -5.93 15.98
C GLU A 208 10.96 -5.95 14.62
N ASP A 209 10.41 -4.81 14.18
CA ASP A 209 9.76 -4.70 12.88
C ASP A 209 10.68 -4.11 11.81
N ILE A 210 11.40 -3.04 12.14
CA ILE A 210 12.29 -2.35 11.21
C ILE A 210 13.72 -2.51 11.70
N GLU A 211 14.62 -2.89 10.80
CA GLU A 211 16.01 -3.16 11.14
C GLU A 211 16.96 -2.04 10.75
N ASN A 212 16.73 -1.38 9.61
CA ASN A 212 17.56 -0.28 9.17
C ASN A 212 16.69 0.79 8.54
N LEU A 213 17.31 1.93 8.22
CA LEU A 213 16.57 3.04 7.63
C LEU A 213 16.23 2.80 6.17
N GLU A 214 16.98 1.93 5.48
CA GLU A 214 16.61 1.57 4.12
C GLU A 214 15.28 0.82 4.10
N GLU A 215 15.08 -0.11 5.04
CA GLU A 215 13.81 -0.79 5.17
C GLU A 215 12.69 0.18 5.57
N LEU A 216 13.01 1.13 6.45
CA LEU A 216 12.01 2.12 6.85
C LEU A 216 11.61 3.01 5.69
N SER A 217 12.57 3.42 4.86
CA SER A 217 12.25 4.25 3.70
C SER A 217 11.45 3.48 2.65
N PHE A 218 11.50 2.14 2.68
CA PHE A 218 10.69 1.36 1.76
C PHE A 218 9.20 1.57 2.01
N TRP A 219 8.81 1.80 3.25
CA TRP A 219 7.42 2.02 3.59
C TRP A 219 7.03 3.50 3.64
N LEU A 220 7.94 4.36 4.11
CA LEU A 220 7.63 5.77 4.28
C LEU A 220 7.87 6.59 3.02
N ASN A 221 8.77 6.14 2.15
CA ASN A 221 9.01 6.78 0.86
C ASN A 221 9.05 5.69 -0.21
N PRO A 222 7.92 5.06 -0.49
CA PRO A 222 7.93 3.87 -1.35
C PRO A 222 8.05 4.23 -2.82
N GLU A 223 8.71 3.33 -3.56
CA GLU A 223 8.76 3.39 -5.02
C GLU A 223 7.70 2.52 -5.67
N HIS A 224 7.51 1.29 -5.17
CA HIS A 224 6.45 0.40 -5.62
C HIS A 224 5.92 -0.33 -4.38
N LEU A 225 4.85 0.19 -3.80
CA LEU A 225 4.26 -0.43 -2.62
C LEU A 225 3.53 -1.71 -3.00
N PRO A 226 4.00 -2.88 -2.58
CA PRO A 226 3.32 -4.12 -2.97
C PRO A 226 2.20 -4.51 -2.02
N VAL A 227 1.01 -4.79 -2.56
CA VAL A 227 -0.11 -5.29 -1.78
C VAL A 227 -0.47 -6.67 -2.30
N ILE A 228 -1.29 -7.37 -1.52
CA ILE A 228 -1.63 -8.76 -1.78
C ILE A 228 -3.14 -8.89 -1.93
N PHE A 229 -3.56 -9.62 -2.95
CA PHE A 229 -4.94 -10.11 -3.05
C PHE A 229 -4.89 -11.53 -3.60
N ILE A 230 -5.35 -12.49 -2.82
CA ILE A 230 -5.38 -13.89 -3.22
C ILE A 230 -6.81 -14.40 -3.09
N HIS A 231 -7.29 -15.08 -4.11
CA HIS A 231 -8.56 -15.79 -4.05
C HIS A 231 -8.28 -17.28 -3.89
N ILE A 232 -8.97 -17.90 -2.92
CA ILE A 232 -8.75 -19.30 -2.59
C ILE A 232 -10.11 -19.97 -2.40
N ASN A 233 -10.07 -21.31 -2.33
CA ASN A 233 -11.27 -22.12 -2.20
C ASN A 233 -11.48 -22.69 -0.81
N LYS A 234 -10.46 -22.69 0.04
CA LYS A 234 -10.57 -23.27 1.37
C LYS A 234 -10.17 -22.23 2.42
N PRO A 235 -10.94 -22.09 3.50
CA PRO A 235 -10.58 -21.09 4.51
C PRO A 235 -9.34 -21.46 5.31
N GLU A 236 -9.06 -22.76 5.48
CA GLU A 236 -7.91 -23.19 6.27
C GLU A 236 -6.59 -22.90 5.58
N LEU A 237 -6.60 -22.48 4.31
CA LEU A 237 -5.40 -22.11 3.59
C LEU A 237 -5.25 -20.60 3.45
N ALA A 238 -6.02 -19.82 4.22
CA ALA A 238 -5.99 -18.37 4.07
C ALA A 238 -4.68 -17.79 4.58
N LEU A 239 -4.36 -18.02 5.85
CA LEU A 239 -3.18 -17.41 6.45
C LEU A 239 -1.90 -17.99 5.86
N GLN A 240 -1.88 -19.29 5.59
CA GLN A 240 -0.67 -19.91 5.04
C GLN A 240 -0.36 -19.38 3.64
N SER A 241 -1.39 -19.14 2.82
CA SER A 241 -1.16 -18.65 1.48
C SER A 241 -0.75 -17.18 1.47
N LEU A 242 -1.20 -16.41 2.47
CA LEU A 242 -0.74 -15.03 2.59
C LEU A 242 0.76 -14.97 2.82
N LYS A 243 1.29 -15.88 3.63
CA LYS A 243 2.73 -15.94 3.85
C LYS A 243 3.46 -16.45 2.62
N GLN A 244 2.85 -17.36 1.86
CA GLN A 244 3.48 -17.83 0.63
C GLN A 244 3.52 -16.73 -0.42
N MET A 245 2.47 -15.91 -0.48
CA MET A 245 2.50 -14.73 -1.35
C MET A 245 3.59 -13.76 -0.91
N GLU A 246 3.73 -13.55 0.41
CA GLU A 246 4.82 -12.72 0.91
C GLU A 246 6.17 -13.32 0.57
N ASP A 247 6.27 -14.65 0.58
CA ASP A 247 7.52 -15.31 0.22
C ASP A 247 7.88 -15.02 -1.24
N ALA A 248 6.93 -15.20 -2.15
CA ALA A 248 7.19 -14.95 -3.57
C ALA A 248 7.44 -13.48 -3.85
N ILE A 249 6.79 -12.59 -3.08
CA ILE A 249 7.04 -11.16 -3.24
C ILE A 249 8.46 -10.81 -2.83
N LYS A 250 8.93 -11.38 -1.72
CA LYS A 250 10.27 -11.10 -1.24
C LYS A 250 11.36 -11.60 -2.19
N LYS A 251 11.02 -12.50 -3.11
CA LYS A 251 11.97 -12.96 -4.11
C LYS A 251 12.31 -11.87 -5.12
N ASP A 252 11.41 -10.90 -5.31
CA ASP A 252 11.66 -9.80 -6.23
C ASP A 252 12.59 -8.79 -5.57
N GLU A 253 13.61 -8.36 -6.32
CA GLU A 253 14.60 -7.43 -5.76
C GLU A 253 13.94 -6.11 -5.37
N ARG A 254 12.93 -5.67 -6.11
CA ARG A 254 12.24 -4.42 -5.77
C ARG A 254 11.46 -4.52 -4.47
N PHE A 255 11.08 -5.72 -4.05
CA PHE A 255 10.28 -5.91 -2.85
C PHE A 255 10.99 -6.80 -1.82
N LYS A 256 12.32 -6.73 -1.78
CA LYS A 256 13.06 -7.55 -0.83
C LYS A 256 12.83 -7.12 0.62
N TYR A 257 12.43 -5.86 0.85
CA TYR A 257 12.14 -5.37 2.19
C TYR A 257 10.67 -5.56 2.58
N PHE A 258 9.89 -6.27 1.78
CA PHE A 258 8.47 -6.43 2.08
C PHE A 258 8.26 -7.37 3.25
N LYS A 259 7.36 -6.97 4.14
CA LYS A 259 6.96 -7.80 5.27
C LYS A 259 5.44 -7.70 5.41
N LEU A 260 4.78 -8.85 5.60
CA LEU A 260 3.33 -8.85 5.71
C LEU A 260 2.86 -8.04 6.90
N GLU A 261 3.47 -8.25 8.07
CA GLU A 261 3.05 -7.54 9.27
C GLU A 261 3.31 -6.03 9.15
N ASN A 262 4.38 -5.65 8.44
CA ASN A 262 4.67 -4.23 8.28
C ASN A 262 3.65 -3.56 7.37
N LEU A 263 3.24 -4.24 6.30
CA LEU A 263 2.20 -3.71 5.42
C LEU A 263 0.89 -3.55 6.19
N LYS A 264 0.55 -4.52 7.03
CA LYS A 264 -0.67 -4.44 7.81
C LYS A 264 -0.61 -3.31 8.84
N LYS A 265 0.57 -3.12 9.44
CA LYS A 265 0.69 -2.12 10.49
C LYS A 265 0.69 -0.70 9.91
N PHE A 266 1.48 -0.49 8.85
CA PHE A 266 1.63 0.86 8.32
C PHE A 266 0.35 1.36 7.65
N TYR A 267 -0.43 0.46 7.05
CA TYR A 267 -1.60 0.87 6.26
C TYR A 267 -2.91 0.37 6.85
N ARG A 268 -2.91 -0.10 8.10
CA ARG A 268 -4.13 -0.47 8.82
C ARG A 268 -4.93 -1.52 8.06
N LEU A 269 -4.24 -2.55 7.58
CA LEU A 269 -4.86 -3.63 6.84
C LEU A 269 -4.95 -4.88 7.71
N GLU A 270 -6.04 -5.62 7.54
CA GLU A 270 -6.22 -6.90 8.21
C GLU A 270 -6.05 -8.03 7.20
N ASP A 271 -6.05 -9.26 7.71
CA ASP A 271 -5.87 -10.42 6.83
C ASP A 271 -6.96 -10.50 5.77
N GLN A 272 -8.21 -10.27 6.17
CA GLN A 272 -9.33 -10.40 5.24
C GLN A 272 -9.32 -9.34 4.15
N ASP A 273 -8.62 -8.23 4.36
CA ASP A 273 -8.51 -7.22 3.31
C ASP A 273 -7.68 -7.70 2.13
N MET A 274 -6.99 -8.84 2.25
CA MET A 274 -6.08 -9.31 1.24
C MET A 274 -6.47 -10.68 0.67
N TYR A 275 -7.65 -11.21 1.01
CA TYR A 275 -8.07 -12.49 0.46
C TYR A 275 -9.56 -12.48 0.19
N LEU A 276 -10.00 -13.46 -0.60
CA LEU A 276 -11.41 -13.69 -0.89
C LEU A 276 -11.61 -15.19 -0.94
N ILE A 277 -12.42 -15.72 -0.03
CA ILE A 277 -12.65 -17.15 0.08
C ILE A 277 -14.02 -17.48 -0.47
N THR A 278 -14.06 -18.41 -1.43
CA THR A 278 -15.31 -18.92 -2.00
C THR A 278 -15.24 -20.44 -1.98
N PRO A 279 -15.78 -21.08 -0.94
CA PRO A 279 -15.68 -22.54 -0.84
C PRO A 279 -16.44 -23.26 -1.94
N SER A 280 -17.76 -23.02 -2.03
CA SER A 280 -18.61 -23.67 -3.02
C SER A 280 -19.40 -22.60 -3.76
N VAL A 281 -19.09 -22.42 -5.05
CA VAL A 281 -19.72 -21.41 -5.88
C VAL A 281 -20.73 -22.07 -6.79
N ASP A 282 -21.97 -21.57 -6.77
CA ASP A 282 -23.00 -21.99 -7.71
C ASP A 282 -22.93 -21.06 -8.91
N PHE A 283 -22.27 -21.51 -9.98
CA PHE A 283 -22.09 -20.68 -11.16
C PHE A 283 -23.37 -20.51 -11.98
N SER A 284 -24.48 -21.10 -11.55
CA SER A 284 -25.78 -20.83 -12.15
C SER A 284 -26.54 -19.73 -11.42
N ASN A 285 -26.10 -19.36 -10.23
CA ASN A 285 -26.76 -18.34 -9.42
C ASN A 285 -26.17 -16.98 -9.79
N ARG A 286 -26.97 -16.15 -10.46
CA ARG A 286 -26.50 -14.82 -10.86
C ARG A 286 -26.28 -13.93 -9.64
N GLU A 287 -27.24 -13.93 -8.72
CA GLU A 287 -27.13 -13.05 -7.55
C GLU A 287 -25.96 -13.45 -6.66
N GLU A 288 -25.74 -14.76 -6.47
CA GLU A 288 -24.62 -15.22 -5.66
C GLU A 288 -23.30 -14.83 -6.29
N LEU A 289 -23.19 -14.93 -7.61
CA LEU A 289 -21.98 -14.49 -8.29
C LEU A 289 -21.80 -12.98 -8.19
N ILE A 290 -22.90 -12.24 -8.05
CA ILE A 290 -22.80 -10.79 -7.97
C ILE A 290 -22.20 -10.36 -6.63
N LYS A 291 -22.56 -11.03 -5.55
CA LYS A 291 -21.96 -10.72 -4.25
C LYS A 291 -20.45 -10.97 -4.27
N ILE A 292 -20.04 -12.08 -4.88
CA ILE A 292 -18.61 -12.39 -4.97
C ILE A 292 -17.89 -11.31 -5.78
N LEU A 293 -18.47 -10.93 -6.92
CA LEU A 293 -17.85 -9.90 -7.75
C LEU A 293 -17.84 -8.55 -7.04
N ASN A 294 -18.90 -8.26 -6.28
CA ASN A 294 -18.92 -7.01 -5.51
C ASN A 294 -17.87 -7.02 -4.41
N GLU A 295 -17.74 -8.14 -3.69
CA GLU A 295 -16.72 -8.24 -2.66
C GLU A 295 -15.32 -8.15 -3.25
N PHE A 296 -15.14 -8.66 -4.48
CA PHE A 296 -13.87 -8.49 -5.16
C PHE A 296 -13.59 -7.01 -5.44
N ARG A 297 -14.61 -6.30 -5.94
CA ARG A 297 -14.44 -4.88 -6.27
C ARG A 297 -14.16 -4.05 -5.04
N GLU A 298 -14.80 -4.38 -3.91
CA GLU A 298 -14.59 -3.59 -2.69
C GLU A 298 -13.19 -3.80 -2.12
N LYS A 299 -12.70 -5.05 -2.12
CA LYS A 299 -11.39 -5.31 -1.56
C LYS A 299 -10.28 -4.76 -2.44
N VAL A 300 -10.43 -4.87 -3.76
CA VAL A 300 -9.41 -4.33 -4.67
C VAL A 300 -9.39 -2.81 -4.60
N SER A 301 -10.57 -2.19 -4.51
CA SER A 301 -10.63 -0.74 -4.35
C SER A 301 -9.95 -0.29 -3.07
N LYS A 302 -10.17 -1.04 -1.98
CA LYS A 302 -9.50 -0.69 -0.72
C LYS A 302 -7.99 -0.93 -0.80
N LEU A 303 -7.55 -1.84 -1.67
CA LEU A 303 -6.12 -2.12 -1.76
C LEU A 303 -5.42 -1.11 -2.68
N LEU A 304 -6.08 -0.69 -3.76
CA LEU A 304 -5.44 0.22 -4.70
C LEU A 304 -5.39 1.65 -4.17
N THR A 305 -6.38 2.05 -3.36
CA THR A 305 -6.42 3.39 -2.81
C THR A 305 -6.08 3.45 -1.33
N LEU A 306 -6.17 2.34 -0.61
CA LEU A 306 -5.88 2.27 0.82
C LEU A 306 -6.81 3.24 1.55
N GLU A 307 -6.37 3.76 2.70
CA GLU A 307 -7.16 4.75 3.45
C GLU A 307 -6.83 6.17 3.03
N GLY A 308 -6.62 6.41 1.74
CA GLY A 308 -6.22 7.72 1.26
C GLY A 308 -4.78 8.09 1.53
N VAL A 309 -3.99 7.19 2.13
CA VAL A 309 -2.60 7.50 2.42
C VAL A 309 -1.79 7.62 1.13
N ILE A 310 -1.97 6.65 0.23
CA ILE A 310 -1.29 6.69 -1.05
C ILE A 310 -1.99 7.69 -1.97
N LYS A 311 -1.21 8.55 -2.60
CA LYS A 311 -1.73 9.57 -3.51
C LYS A 311 -1.49 9.24 -4.98
N ASP A 312 -0.34 8.66 -5.30
CA ASP A 312 -0.04 8.24 -6.67
C ASP A 312 -0.43 6.79 -6.83
N HIS A 313 -1.45 6.53 -7.66
CA HIS A 313 -1.94 5.17 -7.86
C HIS A 313 -0.89 4.28 -8.52
N ASN A 314 0.12 4.85 -9.17
CA ASN A 314 1.15 4.05 -9.81
C ASN A 314 2.09 3.40 -8.82
N LYS A 315 2.13 3.88 -7.57
CA LYS A 315 3.01 3.31 -6.56
C LYS A 315 2.52 1.98 -6.03
N VAL A 316 1.22 1.71 -6.11
CA VAL A 316 0.66 0.45 -5.62
C VAL A 316 0.90 -0.63 -6.66
N VAL A 317 1.42 -1.77 -6.21
CA VAL A 317 1.63 -2.95 -7.06
C VAL A 317 0.79 -4.08 -6.49
N LEU A 318 -0.20 -4.53 -7.26
CA LEU A 318 -1.15 -5.54 -6.80
C LEU A 318 -0.63 -6.92 -7.17
N ASN A 319 -0.13 -7.65 -6.17
CA ASN A 319 0.28 -9.03 -6.36
C ASN A 319 -0.95 -9.92 -6.18
N ILE A 320 -1.41 -10.52 -7.27
CA ILE A 320 -2.74 -11.12 -7.33
C ILE A 320 -2.64 -12.57 -7.80
N SER A 321 -3.53 -13.40 -7.25
CA SER A 321 -3.69 -14.78 -7.68
C SER A 321 -5.11 -15.21 -7.37
N ALA A 322 -5.62 -16.17 -8.12
CA ALA A 322 -6.99 -16.64 -7.96
C ALA A 322 -7.01 -18.17 -7.95
N GLY A 323 -8.15 -18.73 -7.59
CA GLY A 323 -8.28 -20.16 -7.39
C GLY A 323 -9.24 -20.86 -8.32
N ILE A 324 -10.12 -20.12 -8.98
CA ILE A 324 -11.10 -20.68 -9.90
C ILE A 324 -10.96 -20.00 -11.25
N SER A 325 -10.80 -20.80 -12.30
CA SER A 325 -10.53 -20.24 -13.63
C SER A 325 -11.71 -19.44 -14.15
N THR A 326 -12.93 -19.96 -13.98
CA THR A 326 -14.11 -19.22 -14.43
C THR A 326 -14.26 -17.92 -13.66
N LEU A 327 -14.09 -17.98 -12.33
CA LEU A 327 -14.21 -16.77 -11.52
C LEU A 327 -13.08 -15.78 -11.82
N ALA A 328 -11.89 -16.28 -12.14
CA ALA A 328 -10.76 -15.39 -12.43
C ALA A 328 -10.97 -14.62 -13.72
N LEU A 329 -11.63 -15.22 -14.71
CA LEU A 329 -11.92 -14.51 -15.96
C LEU A 329 -12.74 -13.25 -15.68
N TYR A 330 -13.77 -13.37 -14.84
CA TYR A 330 -14.57 -12.20 -14.49
C TYR A 330 -13.79 -11.23 -13.61
N PHE A 331 -12.91 -11.76 -12.75
CA PHE A 331 -12.07 -10.87 -11.93
C PHE A 331 -11.16 -10.03 -12.80
N GLY A 332 -10.58 -10.62 -13.84
CA GLY A 332 -9.71 -9.87 -14.73
C GLY A 332 -10.44 -8.84 -15.55
N VAL A 333 -11.68 -9.14 -15.96
CA VAL A 333 -12.48 -8.17 -16.70
C VAL A 333 -12.72 -6.93 -15.86
N ILE A 334 -12.99 -7.12 -14.57
CA ILE A 334 -13.23 -5.99 -13.68
C ILE A 334 -11.92 -5.28 -13.35
N LEU A 335 -10.84 -6.04 -13.20
CA LEU A 335 -9.56 -5.44 -12.81
C LEU A 335 -8.99 -4.55 -13.91
N GLY A 336 -9.05 -5.00 -15.15
CA GLY A 336 -8.46 -4.25 -16.25
C GLY A 336 -6.96 -4.37 -16.31
N ASN A 337 -6.37 -3.67 -17.26
CA ASN A 337 -4.93 -3.68 -17.46
C ASN A 337 -4.33 -2.29 -17.40
N ARG A 338 -4.95 -1.39 -16.62
CA ARG A 338 -4.38 -0.08 -16.36
C ARG A 338 -3.67 0.02 -15.02
N GLN A 339 -3.92 -0.93 -14.11
CA GLN A 339 -3.28 -0.95 -12.81
C GLN A 339 -2.04 -1.82 -12.86
N ALA A 340 -0.97 -1.33 -12.23
CA ALA A 340 0.25 -2.11 -12.12
C ALA A 340 0.02 -3.32 -11.23
N SER A 341 0.14 -4.52 -11.80
CA SER A 341 -0.15 -5.74 -11.06
C SER A 341 0.79 -6.85 -11.52
N ILE A 342 0.95 -7.84 -10.64
CA ILE A 342 1.73 -9.04 -10.93
C ILE A 342 0.84 -10.24 -10.64
N ILE A 343 0.67 -11.11 -11.63
CA ILE A 343 -0.16 -12.30 -11.51
C ILE A 343 0.74 -13.47 -11.16
N TYR A 344 0.35 -14.24 -10.16
CA TYR A 344 1.13 -15.39 -9.69
C TYR A 344 0.35 -16.67 -9.95
N HIS A 345 1.05 -17.71 -10.36
CA HIS A 345 0.49 -19.04 -10.54
C HIS A 345 0.96 -19.93 -9.39
N TYR A 346 0.01 -20.62 -8.75
CA TYR A 346 0.30 -21.41 -7.56
C TYR A 346 0.39 -22.89 -7.93
N GLN A 347 1.60 -23.44 -7.85
CA GLN A 347 1.81 -24.88 -7.75
C GLN A 347 2.92 -25.08 -6.74
N LYS A 348 2.60 -25.76 -5.64
CA LYS A 348 3.48 -25.88 -4.48
C LYS A 348 3.71 -24.52 -3.81
N GLU A 349 4.19 -23.55 -4.57
CA GLU A 349 4.38 -22.18 -4.10
C GLU A 349 3.85 -21.21 -5.15
N TYR A 350 3.92 -19.92 -4.84
CA TYR A 350 3.47 -18.88 -5.75
C TYR A 350 4.57 -18.54 -6.75
N HIS A 351 4.27 -18.64 -8.03
CA HIS A 351 5.22 -18.40 -9.10
C HIS A 351 4.79 -17.19 -9.91
N LYS A 352 5.65 -16.18 -9.97
CA LYS A 352 5.39 -15.00 -10.78
C LYS A 352 5.44 -15.39 -12.27
N VAL A 353 4.32 -15.19 -12.97
CA VAL A 353 4.23 -15.63 -14.37
C VAL A 353 3.99 -14.45 -15.29
N ILE A 354 3.33 -13.40 -14.79
CA ILE A 354 3.00 -12.24 -15.61
C ILE A 354 3.26 -10.98 -14.80
N ASP A 355 4.19 -10.15 -15.28
CA ASP A 355 4.58 -8.90 -14.63
C ASP A 355 4.13 -7.75 -15.52
N LEU A 356 3.09 -7.03 -15.10
CA LEU A 356 2.54 -5.91 -15.85
C LEU A 356 3.05 -4.57 -15.33
N THR A 357 4.20 -4.54 -14.66
CA THR A 357 4.71 -3.29 -14.12
C THR A 357 5.45 -2.45 -15.16
N ASP A 358 6.02 -3.10 -16.19
CA ASP A 358 6.75 -2.36 -17.21
C ASP A 358 5.89 -2.01 -18.41
N ASN A 359 5.04 -2.93 -18.85
CA ASN A 359 4.12 -2.69 -19.96
C ASN A 359 2.81 -3.41 -19.64
N PRO A 360 1.82 -2.68 -19.12
CA PRO A 360 0.59 -3.36 -18.65
C PRO A 360 -0.21 -4.00 -19.78
N ARG A 361 -0.11 -3.52 -21.01
CA ARG A 361 -0.87 -4.06 -22.12
C ARG A 361 -0.07 -5.06 -22.95
N LYS A 362 0.99 -5.64 -22.37
CA LYS A 362 1.75 -6.67 -23.07
C LYS A 362 0.97 -7.98 -23.19
N ILE A 363 -0.10 -8.14 -22.42
CA ILE A 363 -0.96 -9.31 -22.52
C ILE A 363 -2.01 -9.05 -23.59
N LYS A 364 -1.89 -7.91 -24.27
CA LYS A 364 -2.86 -7.48 -25.26
C LYS A 364 -2.25 -7.21 -26.62
N GLU A 365 -0.94 -7.38 -26.78
CA GLU A 365 -0.25 -7.01 -28.01
C GLU A 365 -0.29 -8.18 -28.99
N LYS A 366 -0.82 -7.93 -30.18
CA LYS A 366 -1.02 -8.98 -31.17
C LYS A 366 0.26 -9.27 -31.92
N LYS A 367 0.40 -10.54 -32.33
CA LYS A 367 1.54 -11.01 -33.08
C LYS A 367 1.09 -11.54 -34.44
N SER A 368 1.98 -11.47 -35.43
CA SER A 368 1.63 -11.93 -36.76
C SER A 368 1.66 -13.45 -36.87
N GLU A 369 2.62 -14.09 -36.21
CA GLU A 369 2.78 -15.54 -36.25
C GLU A 369 2.69 -16.09 -34.84
N PHE A 370 1.85 -17.10 -34.65
CA PHE A 370 1.64 -17.69 -33.33
C PHE A 370 2.81 -18.59 -32.96
N GLU A 371 3.41 -18.33 -31.81
CA GLU A 371 4.55 -19.08 -31.32
C GLU A 371 4.22 -19.99 -30.15
N LYS A 372 3.19 -19.67 -29.38
CA LYS A 372 2.85 -20.42 -28.18
C LYS A 372 1.57 -21.24 -28.28
N ILE A 373 0.68 -20.91 -29.22
CA ILE A 373 -0.61 -21.58 -29.33
C ILE A 373 -0.82 -22.08 -30.75
N SER A 374 -1.74 -23.03 -30.89
N SER A 374 -1.74 -23.04 -30.89
CA SER A 374 -2.16 -23.56 -32.18
CA SER A 374 -2.16 -23.57 -32.17
C SER A 374 -3.64 -23.28 -32.35
C SER A 374 -3.65 -23.26 -32.35
N VAL A 375 -4.02 -22.77 -33.53
CA VAL A 375 -5.38 -22.36 -33.81
C VAL A 375 -5.96 -23.21 -34.93
N ASN A 376 -7.10 -23.84 -34.65
CA ASN A 376 -7.90 -24.54 -35.65
C ASN A 376 -9.29 -23.90 -35.63
N LYS A 377 -9.64 -23.17 -36.68
CA LYS A 377 -10.81 -22.31 -36.66
C LYS A 377 -11.67 -22.49 -37.90
N ASN A 378 -12.97 -22.25 -37.73
CA ASN A 378 -13.92 -22.11 -38.82
C ASN A 378 -14.87 -20.99 -38.39
N ILE A 379 -14.63 -19.79 -38.89
CA ILE A 379 -15.25 -18.58 -38.35
C ILE A 379 -16.63 -18.40 -38.97
N GLN A 380 -17.67 -18.65 -38.16
CA GLN A 380 -19.04 -18.36 -38.54
C GLN A 380 -19.78 -17.81 -37.33
N ASP A 381 -20.99 -17.31 -37.56
CA ASP A 381 -21.83 -16.74 -36.51
C ASP A 381 -22.96 -17.70 -36.18
N PRO A 382 -23.14 -18.07 -34.90
CA PRO A 382 -22.34 -17.70 -33.72
C PRO A 382 -21.03 -18.48 -33.66
N LEU A 383 -20.07 -18.01 -32.87
CA LEU A 383 -18.75 -18.63 -32.77
C LEU A 383 -18.57 -19.27 -31.41
N MET A 384 -18.07 -20.50 -31.40
CA MET A 384 -17.75 -21.21 -30.17
C MET A 384 -16.24 -21.20 -29.96
N ILE A 385 -15.80 -20.63 -28.84
CA ILE A 385 -14.39 -20.49 -28.53
C ILE A 385 -14.01 -21.55 -27.50
N ILE A 386 -13.01 -22.37 -27.83
CA ILE A 386 -12.52 -23.42 -26.95
C ILE A 386 -11.05 -23.17 -26.69
N ILE A 387 -10.68 -23.13 -25.40
CA ILE A 387 -9.29 -22.96 -24.97
C ILE A 387 -8.86 -24.24 -24.27
N TYR A 388 -7.74 -24.81 -24.71
CA TYR A 388 -7.24 -26.08 -24.21
C TYR A 388 -5.76 -25.91 -23.84
N LEU A 389 -5.50 -25.57 -22.58
CA LEU A 389 -4.14 -25.41 -22.08
C LEU A 389 -3.82 -26.30 -20.88
N ALA A 390 -4.81 -26.91 -20.24
CA ALA A 390 -4.60 -27.74 -19.08
C ALA A 390 -4.57 -29.22 -19.50
N SER A 391 -4.78 -30.13 -18.54
CA SER A 391 -4.71 -31.55 -18.84
C SER A 391 -6.02 -32.07 -19.42
N HIS A 392 -7.15 -31.67 -18.86
CA HIS A 392 -8.44 -32.12 -19.36
C HIS A 392 -8.73 -31.47 -20.71
N ASN A 393 -9.17 -32.28 -21.67
CA ASN A 393 -9.43 -31.80 -23.02
C ASN A 393 -10.90 -31.40 -23.13
N PRO A 394 -11.22 -30.12 -23.33
CA PRO A 394 -12.61 -29.69 -23.47
C PRO A 394 -13.15 -29.66 -24.89
N ILE A 395 -12.38 -30.17 -25.87
CA ILE A 395 -12.80 -30.05 -27.27
C ILE A 395 -14.04 -30.89 -27.54
N GLU A 396 -14.07 -32.12 -27.02
CA GLU A 396 -15.21 -33.01 -27.28
C GLU A 396 -16.50 -32.42 -26.74
N LYS A 397 -16.50 -32.04 -25.46
CA LYS A 397 -17.70 -31.45 -24.87
C LYS A 397 -17.94 -30.04 -25.40
N GLY A 398 -16.87 -29.32 -25.76
CA GLY A 398 -17.04 -28.00 -26.31
C GLY A 398 -17.75 -28.00 -27.65
N LEU A 399 -17.44 -28.98 -28.50
CA LEU A 399 -18.12 -29.09 -29.78
C LEU A 399 -19.53 -29.66 -29.65
N GLU A 400 -19.75 -30.52 -28.65
CA GLU A 400 -21.11 -30.96 -28.34
C GLU A 400 -21.98 -29.78 -27.94
N LEU A 401 -21.44 -28.88 -27.11
CA LEU A 401 -22.18 -27.69 -26.72
C LEU A 401 -22.37 -26.74 -27.90
N LYS A 402 -21.41 -26.73 -28.84
CA LYS A 402 -21.52 -25.87 -30.00
C LYS A 402 -22.77 -26.21 -30.82
N GLU A 403 -23.05 -27.50 -30.99
CA GLU A 403 -24.23 -27.92 -31.75
C GLU A 403 -25.50 -27.89 -30.91
N LYS A 404 -25.39 -28.01 -29.59
CA LYS A 404 -26.57 -27.83 -28.74
C LYS A 404 -27.06 -26.39 -28.79
N LEU A 405 -26.16 -25.43 -28.91
CA LEU A 405 -26.50 -24.02 -29.01
C LEU A 405 -26.72 -23.57 -30.45
N ARG A 406 -26.68 -24.48 -31.41
CA ARG A 406 -26.83 -24.17 -32.83
C ARG A 406 -25.76 -23.18 -33.31
N ALA A 407 -24.58 -23.23 -32.70
CA ALA A 407 -23.47 -22.39 -33.12
C ALA A 407 -22.85 -22.96 -34.39
N LYS A 408 -22.59 -22.09 -35.37
CA LYS A 408 -22.06 -22.51 -36.65
C LYS A 408 -20.55 -22.29 -36.77
N GLY A 409 -19.93 -21.58 -35.83
CA GLY A 409 -18.50 -21.35 -35.89
C GLY A 409 -17.75 -22.02 -34.77
N GLU A 410 -16.44 -22.18 -34.94
CA GLU A 410 -15.60 -22.76 -33.89
C GLU A 410 -14.23 -22.11 -33.94
N LEU A 411 -13.67 -21.85 -32.76
CA LEU A 411 -12.32 -21.31 -32.62
C LEU A 411 -11.62 -22.12 -31.52
N ILE A 412 -10.81 -23.08 -31.93
CA ILE A 412 -10.17 -24.00 -31.00
C ILE A 412 -8.73 -23.54 -30.77
N ILE A 413 -8.42 -23.14 -29.56
CA ILE A 413 -7.09 -22.69 -29.16
C ILE A 413 -6.50 -23.71 -28.20
N GLN A 414 -5.31 -24.21 -28.52
CA GLN A 414 -4.63 -25.17 -27.67
C GLN A 414 -3.14 -24.91 -27.71
N SER A 415 -2.42 -25.52 -26.77
CA SER A 415 -0.98 -25.32 -26.67
C SER A 415 -0.29 -25.89 -27.90
N LYS A 416 0.73 -25.17 -28.38
CA LYS A 416 1.45 -25.55 -29.59
C LYS A 416 2.15 -26.89 -29.42
N GLU A 417 3.15 -26.94 -28.55
CA GLU A 417 3.81 -28.17 -28.16
C GLU A 417 3.77 -28.28 -26.64
N HIS A 418 3.66 -29.51 -26.15
CA HIS A 418 3.38 -29.87 -24.75
C HIS A 418 1.99 -29.41 -24.34
N GLN A 419 1.43 -30.03 -23.30
CA GLN A 419 0.03 -29.78 -22.96
C GLN A 419 -0.18 -30.10 -21.49
N GLY A 420 -0.92 -29.22 -20.80
CA GLY A 420 -1.14 -29.36 -19.38
C GLY A 420 0.08 -29.14 -18.51
N ASN A 421 1.24 -28.86 -19.11
CA ASN A 421 2.48 -28.61 -18.38
C ASN A 421 3.18 -27.42 -19.02
N LEU A 422 2.57 -26.24 -18.90
CA LEU A 422 3.20 -25.02 -19.35
C LEU A 422 4.43 -24.74 -18.51
N GLU A 423 5.56 -24.46 -19.16
CA GLU A 423 6.77 -24.13 -18.44
C GLU A 423 6.58 -22.86 -17.63
N ILE A 424 7.01 -22.89 -16.37
CA ILE A 424 6.84 -21.73 -15.50
C ILE A 424 7.73 -20.60 -15.99
N GLY A 425 7.11 -19.50 -16.41
CA GLY A 425 7.86 -18.37 -16.91
C GLY A 425 6.94 -17.25 -17.30
N ASP A 426 7.43 -16.38 -18.18
CA ASP A 426 6.65 -15.25 -18.69
C ASP A 426 5.49 -15.79 -19.52
N TRP A 427 4.31 -15.84 -18.93
CA TRP A 427 3.11 -16.32 -19.60
C TRP A 427 2.38 -15.22 -20.36
N SER A 428 2.96 -14.03 -20.47
N SER A 428 2.95 -14.02 -20.46
CA SER A 428 2.29 -12.93 -21.16
CA SER A 428 2.28 -12.94 -21.16
C SER A 428 2.22 -13.17 -22.66
C SER A 428 2.20 -13.20 -22.66
N ASP A 429 3.17 -13.92 -23.22
CA ASP A 429 3.13 -14.23 -24.65
C ASP A 429 1.97 -15.17 -24.97
N ILE A 430 1.73 -16.16 -24.11
CA ILE A 430 0.59 -17.06 -24.31
C ILE A 430 -0.71 -16.27 -24.26
N VAL A 431 -0.84 -15.38 -23.28
CA VAL A 431 -2.08 -14.60 -23.13
C VAL A 431 -2.27 -13.66 -24.31
N SER A 432 -1.19 -13.04 -24.78
N SER A 432 -1.19 -13.05 -24.79
CA SER A 432 -1.29 -12.14 -25.92
CA SER A 432 -1.31 -12.13 -25.93
C SER A 432 -1.74 -12.88 -27.18
C SER A 432 -1.73 -12.87 -27.19
N GLU A 433 -1.27 -14.11 -27.35
CA GLU A 433 -1.66 -14.90 -28.53
C GLU A 433 -3.09 -15.40 -28.43
N ILE A 434 -3.55 -15.73 -27.20
CA ILE A 434 -4.94 -16.12 -27.04
C ILE A 434 -5.86 -14.93 -27.28
N TYR A 435 -5.48 -13.75 -26.80
CA TYR A 435 -6.27 -12.55 -27.06
C TYR A 435 -6.28 -12.22 -28.54
N THR A 436 -5.15 -12.42 -29.22
CA THR A 436 -5.08 -12.14 -30.65
C THR A 436 -6.07 -12.99 -31.43
N ALA A 437 -6.10 -14.30 -31.15
CA ALA A 437 -6.99 -15.19 -31.87
C ALA A 437 -8.46 -14.85 -31.60
N ILE A 438 -8.76 -14.44 -30.36
CA ILE A 438 -10.14 -14.11 -30.02
C ILE A 438 -10.54 -12.78 -30.63
N ASP A 439 -9.67 -11.76 -30.52
CA ASP A 439 -10.02 -10.45 -31.03
C ASP A 439 -10.08 -10.43 -32.56
N ASP A 440 -9.25 -11.23 -33.23
CA ASP A 440 -9.23 -11.23 -34.68
C ASP A 440 -10.36 -12.05 -35.29
N ASN A 441 -10.98 -12.94 -34.51
CA ASN A 441 -12.02 -13.82 -35.02
C ASN A 441 -13.37 -13.66 -34.33
N LYS A 442 -13.50 -12.69 -33.44
CA LYS A 442 -14.75 -12.52 -32.70
C LYS A 442 -15.89 -12.20 -33.66
N GLN A 443 -17.06 -12.73 -33.35
CA GLN A 443 -18.27 -12.55 -34.15
C GLN A 443 -19.31 -11.75 -33.37
N LYS A 444 -20.48 -11.61 -33.98
CA LYS A 444 -21.55 -10.85 -33.33
C LYS A 444 -21.98 -11.49 -32.02
N GLU A 445 -22.00 -12.82 -31.97
CA GLU A 445 -22.28 -13.57 -30.76
C GLU A 445 -21.26 -14.67 -30.61
N ASN A 446 -20.79 -14.88 -29.38
CA ASN A 446 -19.74 -15.84 -29.11
C ASN A 446 -20.03 -16.58 -27.81
N TYR A 447 -19.56 -17.83 -27.76
CA TYR A 447 -19.54 -18.61 -26.54
C TYR A 447 -18.11 -19.05 -26.27
N MET A 448 -17.78 -19.28 -24.99
CA MET A 448 -16.41 -19.58 -24.61
C MET A 448 -16.38 -20.64 -23.51
N VAL A 449 -15.60 -21.69 -23.74
CA VAL A 449 -15.23 -22.65 -22.71
C VAL A 449 -13.72 -22.70 -22.67
N PHE A 450 -13.16 -23.07 -21.51
CA PHE A 450 -11.72 -23.00 -21.33
C PHE A 450 -11.25 -24.03 -20.31
N SER A 451 -10.14 -24.68 -20.62
CA SER A 451 -9.43 -25.56 -19.70
C SER A 451 -8.00 -25.03 -19.64
N ALA A 452 -7.75 -24.12 -18.71
CA ALA A 452 -6.49 -23.40 -18.66
C ALA A 452 -6.15 -23.08 -17.22
N PRO A 453 -4.88 -22.79 -16.91
CA PRO A 453 -4.54 -22.33 -15.56
C PRO A 453 -5.33 -21.09 -15.17
N VAL A 454 -5.60 -20.99 -13.87
CA VAL A 454 -6.41 -19.88 -13.37
C VAL A 454 -5.72 -18.54 -13.63
N ALA A 455 -4.39 -18.52 -13.55
CA ALA A 455 -3.66 -17.29 -13.83
C ALA A 455 -3.79 -16.89 -15.29
N ILE A 456 -3.90 -17.86 -16.20
CA ILE A 456 -4.09 -17.56 -17.61
C ILE A 456 -5.43 -16.87 -17.83
N MET A 457 -6.51 -17.45 -17.28
CA MET A 457 -7.83 -16.86 -17.43
C MET A 457 -7.91 -15.50 -16.75
N LEU A 458 -7.23 -15.33 -15.62
CA LEU A 458 -7.22 -14.05 -14.95
C LEU A 458 -6.63 -12.97 -15.85
N ALA A 459 -5.46 -13.24 -16.44
CA ALA A 459 -4.83 -12.28 -17.34
C ALA A 459 -5.68 -12.05 -18.59
N LEU A 460 -6.28 -13.12 -19.14
CA LEU A 460 -7.12 -12.97 -20.32
C LEU A 460 -8.30 -12.05 -20.04
N GLY A 461 -8.87 -12.14 -18.83
CA GLY A 461 -9.93 -11.22 -18.47
C GLY A 461 -9.52 -9.76 -18.57
N MET A 462 -8.32 -9.44 -18.10
CA MET A 462 -7.85 -8.06 -18.20
C MET A 462 -7.62 -7.64 -19.64
N ALA A 463 -7.20 -8.57 -20.50
CA ALA A 463 -6.97 -8.22 -21.89
C ALA A 463 -8.28 -7.98 -22.63
N LEU A 464 -9.27 -8.84 -22.41
CA LEU A 464 -10.52 -8.76 -23.18
C LEU A 464 -11.32 -7.51 -22.81
N GLY A 465 -11.62 -7.33 -21.53
CA GLY A 465 -12.48 -6.25 -21.10
C GLY A 465 -13.94 -6.66 -21.11
N TYR A 466 -14.81 -5.65 -21.09
CA TYR A 466 -16.26 -5.86 -21.08
C TYR A 466 -16.90 -5.44 -22.40
N PHE A 467 -16.13 -5.35 -23.47
CA PHE A 467 -16.67 -4.94 -24.76
C PHE A 467 -17.04 -6.11 -25.67
N LEU A 468 -16.69 -7.34 -25.29
CA LEU A 468 -16.88 -8.46 -26.21
C LEU A 468 -18.15 -9.22 -25.86
N PRO A 469 -19.03 -9.47 -26.82
CA PRO A 469 -20.24 -10.25 -26.54
C PRO A 469 -19.95 -11.74 -26.45
N ILE A 470 -19.58 -12.21 -25.26
CA ILE A 470 -19.17 -13.59 -25.04
C ILE A 470 -20.01 -14.16 -23.90
N LYS A 471 -20.59 -15.34 -24.12
CA LYS A 471 -21.31 -16.07 -23.08
C LYS A 471 -20.40 -17.16 -22.55
N VAL A 472 -20.13 -17.14 -21.25
CA VAL A 472 -19.22 -18.07 -20.62
C VAL A 472 -19.99 -19.29 -20.13
N PHE A 473 -19.41 -20.47 -20.32
CA PHE A 473 -20.00 -21.73 -19.86
C PHE A 473 -19.02 -22.39 -18.90
N HIS A 474 -19.46 -22.59 -17.66
CA HIS A 474 -18.63 -23.21 -16.64
C HIS A 474 -18.88 -24.71 -16.62
N TYR A 475 -17.79 -25.48 -16.49
CA TYR A 475 -17.88 -26.93 -16.46
C TYR A 475 -18.18 -27.37 -15.02
N ASN A 476 -19.43 -27.76 -14.77
CA ASN A 476 -19.83 -28.22 -13.44
C ASN A 476 -19.54 -29.72 -13.30
N ARG A 477 -18.25 -30.02 -13.16
CA ARG A 477 -17.72 -31.36 -12.93
C ARG A 477 -17.90 -32.29 -14.12
N ASP A 478 -19.01 -32.18 -14.86
CA ASP A 478 -19.27 -33.12 -15.93
C ASP A 478 -20.08 -32.51 -17.08
N GLU A 479 -20.67 -31.33 -16.86
CA GLU A 479 -21.49 -30.69 -17.88
C GLU A 479 -21.28 -29.19 -17.86
N TYR A 480 -21.44 -28.58 -19.03
CA TYR A 480 -21.29 -27.14 -19.16
C TYR A 480 -22.58 -26.44 -18.77
N ILE A 481 -22.48 -25.47 -17.85
CA ILE A 481 -23.61 -24.67 -17.40
C ILE A 481 -23.34 -23.23 -17.76
N GLU A 482 -24.33 -22.55 -18.33
CA GLU A 482 -24.16 -21.17 -18.75
C GLU A 482 -24.09 -20.25 -17.54
N VAL A 483 -23.05 -19.43 -17.48
CA VAL A 483 -22.92 -18.40 -16.45
C VAL A 483 -23.93 -17.31 -16.77
N PRO A 484 -24.85 -16.99 -15.86
CA PRO A 484 -25.87 -15.98 -16.18
C PRO A 484 -25.37 -14.55 -16.09
N ILE A 485 -24.12 -14.32 -16.52
CA ILE A 485 -23.54 -12.99 -16.59
C ILE A 485 -22.75 -12.91 -17.90
N LYS A 486 -23.27 -12.15 -18.86
CA LYS A 486 -22.58 -12.00 -20.14
C LYS A 486 -21.32 -11.16 -19.96
N LEU A 487 -20.26 -11.54 -20.68
CA LEU A 487 -18.97 -10.88 -20.54
C LEU A 487 -18.95 -9.44 -21.03
N ASN A 488 -20.09 -8.91 -21.50
CA ASN A 488 -20.17 -7.51 -21.93
C ASN A 488 -21.20 -6.71 -21.13
N GLU A 489 -21.59 -7.22 -19.96
CA GLU A 489 -22.57 -6.53 -19.14
C GLU A 489 -21.98 -5.26 -18.53
N GLU A 490 -22.88 -4.32 -18.21
CA GLU A 490 -22.44 -3.06 -17.61
C GLU A 490 -21.90 -3.24 -16.19
N ILE A 491 -22.30 -4.31 -15.50
CA ILE A 491 -21.83 -4.53 -14.14
C ILE A 491 -20.39 -5.01 -14.09
N LEU A 492 -19.79 -5.33 -15.24
CA LEU A 492 -18.39 -5.75 -15.31
C LEU A 492 -17.46 -4.63 -15.73
N ARG A 493 -17.96 -3.40 -15.81
CA ARG A 493 -17.12 -2.28 -16.21
C ARG A 493 -16.01 -2.05 -15.20
N SER A 494 -14.79 -1.87 -15.70
CA SER A 494 -13.64 -1.67 -14.82
C SER A 494 -13.66 -0.27 -14.24
N PRO A 495 -13.70 -0.11 -12.91
CA PRO A 495 -13.62 1.22 -12.30
C PRO A 495 -12.20 1.68 -12.00
N PHE A 496 -11.19 0.89 -12.36
CA PHE A 496 -9.80 1.23 -12.06
C PHE A 496 -9.06 1.70 -13.31
C1 PGE C . 6.11 40.07 4.15
O1 PGE C . 5.49 39.09 4.97
C2 PGE C . 6.67 41.17 5.03
O2 PGE C . 7.82 40.68 5.68
C3 PGE C . 8.89 41.61 5.69
C4 PGE C . 10.15 40.90 6.17
O4 PGE C . 10.93 36.67 5.64
C6 PGE C . 11.53 37.73 4.91
C5 PGE C . 11.47 38.99 5.75
O3 PGE C . 10.34 39.75 5.37
S SO4 D . -6.53 -0.68 -24.47
O1 SO4 D . -7.33 -1.37 -23.47
O2 SO4 D . -6.52 -1.45 -25.71
O3 SO4 D . -5.15 -0.53 -23.99
O4 SO4 D . -7.10 0.64 -24.72
S SO4 E . 14.48 3.43 26.63
O1 SO4 E . 13.12 3.53 26.10
O2 SO4 E . 15.23 2.44 25.86
O3 SO4 E . 15.14 4.72 26.54
O4 SO4 E . 14.42 3.00 28.03
S SO4 F . -1.84 44.18 26.54
O1 SO4 F . -3.12 43.48 26.52
O2 SO4 F . -1.42 44.46 25.17
O3 SO4 F . -1.98 45.43 27.28
O4 SO4 F . -0.83 43.34 27.19
#